data_2QJE
#
_entry.id   2QJE
#
_cell.length_a   63.368
_cell.length_b   50.368
_cell.length_c   65.969
_cell.angle_alpha   90.00
_cell.angle_beta   107.71
_cell.angle_gamma   90.00
#
_symmetry.space_group_name_H-M   'P 1 21 1'
#
loop_
_entity.id
_entity.type
_entity.pdbx_description
1 polymer Lactotransferrin
2 branched beta-D-mannopyranose-(1-4)-2-acetamido-2-deoxy-beta-D-glucopyranose-(1-4)-2-acetamido-2-deoxy-beta-D-glucopyranose
3 branched 'beta-L-glucopyranose-(1-6)-(1S)-2-amino-1-phenylethyl alpha-D-mannopyranoside'
4 non-polymer 2-acetamido-2-deoxy-beta-D-glucopyranose
5 non-polymer 'ZINC ION'
6 non-polymer 'FE (III) ION'
7 non-polymer 'SULFATE ION'
8 non-polymer 'CARBONATE ION'
9 water water
#
_entity_poly.entity_id   1
_entity_poly.type   'polypeptide(L)'
_entity_poly.pdbx_seq_one_letter_code
;YTRVVWCAVGPEEQKKCQQWSQQSGQNVTCATASTTDDCIVLVLKGEADALNLDGGYIYTAGKCGLVPVLAENRKSSKHS
SLDCVLRPTEGYLAVAVVKKANEGLTWNSLKDKKSCHTAVDRTAGWNIPMGLIVNQTGSCAFDEFFSQSCAPGADPKSRL
CALCAGDDQGLDKCVPNSKEKYYGYTGAFRCLAEDVGDVAFVKNDTVWENTNGESTADWAKNLKREDFRLLCLDGTRKPV
TEAQSCHLAVAPNHAVVSRSDRAAHVEQVLLHQQALFGKNGKNCPDKFCLFKSETKNLLFNDNTECLAKLGGRPTYEEYL
GTEYVTAIANLKKCSTSPLLEACAFLTR
;
_entity_poly.pdbx_strand_id   A
#
loop_
_chem_comp.id
_chem_comp.type
_chem_comp.name
_chem_comp.formula
BMA D-saccharide, beta linking beta-D-mannopyranose 'C6 H12 O6'
CO3 non-polymer 'CARBONATE ION' 'C O3 -2'
FE non-polymer 'FE (III) ION' 'Fe 3'
NAG D-saccharide, beta linking 2-acetamido-2-deoxy-beta-D-glucopyranose 'C8 H15 N O6'
SO4 non-polymer 'SULFATE ION' 'O4 S -2'
TVY D-saccharide '(1S)-2-amino-1-phenylethyl alpha-D-mannopyranoside' 'C14 H21 N O6'
Z8T L-saccharide, beta linking beta-L-glucopyranose 'C6 H12 O6'
ZN non-polymer 'ZINC ION' 'Zn 2'
#
# COMPACT_ATOMS: atom_id res chain seq x y z
N TYR A 1 -13.48 -19.09 19.06
CA TYR A 1 -13.54 -20.40 18.38
C TYR A 1 -13.40 -20.21 16.86
N THR A 2 -14.31 -19.49 16.20
CA THR A 2 -14.19 -19.22 14.76
C THR A 2 -14.00 -17.71 14.76
N ARG A 3 -13.01 -17.32 15.54
CA ARG A 3 -12.68 -15.91 15.70
C ARG A 3 -11.28 -15.31 15.33
N VAL A 4 -11.34 -14.15 14.67
CA VAL A 4 -10.13 -13.44 14.21
C VAL A 4 -10.09 -11.97 14.65
N VAL A 5 -9.05 -11.65 15.42
CA VAL A 5 -8.85 -10.27 15.83
C VAL A 5 -8.06 -9.59 14.73
N TRP A 6 -8.67 -8.62 14.09
CA TRP A 6 -8.01 -7.87 13.03
C TRP A 6 -7.18 -6.76 13.67
N CYS A 7 -6.03 -6.45 13.08
CA CYS A 7 -5.16 -5.40 13.60
C CYS A 7 -5.33 -4.17 12.71
N ALA A 8 -5.83 -3.09 13.29
CA ALA A 8 -6.03 -1.87 12.54
C ALA A 8 -4.84 -0.97 12.82
N VAL A 9 -4.41 -0.24 11.81
CA VAL A 9 -3.29 0.66 11.99
C VAL A 9 -3.78 2.11 11.96
N GLY A 10 -3.89 2.73 13.14
CA GLY A 10 -4.38 4.10 13.21
C GLY A 10 -5.83 4.17 13.61
N PRO A 11 -6.32 5.36 14.04
CA PRO A 11 -7.71 5.56 14.47
C PRO A 11 -8.77 5.42 13.38
N GLU A 12 -8.43 5.77 12.15
CA GLU A 12 -9.42 5.65 11.08
C GLU A 12 -9.69 4.20 10.73
N GLU A 13 -8.67 3.35 10.77
CA GLU A 13 -8.88 1.93 10.49
C GLU A 13 -9.57 1.28 11.67
N GLN A 14 -9.27 1.76 12.88
CA GLN A 14 -9.91 1.27 14.09
C GLN A 14 -11.40 1.49 13.92
N LYS A 15 -11.77 2.69 13.50
CA LYS A 15 -13.17 3.06 13.29
C LYS A 15 -13.83 2.10 12.28
N LYS A 16 -13.21 1.89 11.13
CA LYS A 16 -13.81 0.98 10.14
C LYS A 16 -13.90 -0.45 10.64
N CYS A 17 -12.92 -0.84 11.44
CA CYS A 17 -12.89 -2.19 11.99
C CYS A 17 -14.03 -2.41 12.98
N GLN A 18 -14.31 -1.41 13.81
CA GLN A 18 -15.39 -1.50 14.82
C GLN A 18 -16.76 -1.68 14.12
N GLN A 19 -16.96 -1.00 12.99
CA GLN A 19 -18.20 -1.14 12.22
C GLN A 19 -18.36 -2.58 11.72
N TRP A 20 -17.26 -3.13 11.20
CA TRP A 20 -17.16 -4.49 10.67
C TRP A 20 -17.41 -5.49 11.82
N SER A 21 -16.82 -5.22 12.98
CA SER A 21 -17.00 -6.05 14.16
C SER A 21 -18.48 -6.11 14.54
N GLN A 22 -19.12 -4.94 14.61
CA GLN A 22 -20.54 -4.83 14.95
C GLN A 22 -21.33 -5.73 14.03
N GLN A 23 -21.14 -5.47 12.74
CA GLN A 23 -21.84 -6.14 11.65
C GLN A 23 -21.59 -7.62 11.52
N SER A 24 -20.49 -8.11 12.08
CA SER A 24 -20.19 -9.53 11.99
C SER A 24 -20.63 -10.28 13.25
N GLY A 25 -21.40 -9.63 14.11
CA GLY A 25 -21.84 -10.29 15.32
C GLY A 25 -20.62 -10.63 16.15
N GLN A 26 -19.58 -9.84 15.94
CA GLN A 26 -18.31 -10.00 16.64
C GLN A 26 -17.58 -11.29 16.30
N ASN A 27 -17.77 -11.78 15.08
CA ASN A 27 -17.03 -12.96 14.64
C ASN A 27 -15.61 -12.43 14.39
N VAL A 28 -15.52 -11.12 14.24
CA VAL A 28 -14.26 -10.41 14.04
C VAL A 28 -14.23 -9.26 15.05
N THR A 29 -13.14 -9.13 15.79
CA THR A 29 -13.02 -8.03 16.73
C THR A 29 -11.76 -7.24 16.37
N CYS A 30 -11.49 -6.15 17.09
CA CYS A 30 -10.35 -5.33 16.71
C CYS A 30 -9.30 -4.98 17.76
N ALA A 31 -8.07 -4.90 17.28
CA ALA A 31 -6.93 -4.50 18.08
C ALA A 31 -6.35 -3.33 17.28
N THR A 32 -5.88 -2.30 17.96
CA THR A 32 -5.32 -1.17 17.25
C THR A 32 -3.90 -0.84 17.64
N ALA A 33 -3.08 -0.57 16.65
CA ALA A 33 -1.70 -0.17 16.88
C ALA A 33 -1.40 1.11 16.08
N SER A 34 -0.36 1.84 16.47
CA SER A 34 0.00 3.08 15.77
C SER A 34 0.75 2.87 14.46
N THR A 35 1.42 1.74 14.32
CA THR A 35 2.17 1.46 13.10
C THR A 35 1.95 0.03 12.67
N THR A 36 2.25 -0.23 11.39
CA THR A 36 2.12 -1.54 10.80
C THR A 36 3.05 -2.54 11.48
N ASP A 37 4.20 -2.04 11.90
CA ASP A 37 5.22 -2.83 12.60
C ASP A 37 4.73 -3.26 13.97
N ASP A 38 3.99 -2.40 14.64
CA ASP A 38 3.46 -2.75 15.95
C ASP A 38 2.38 -3.81 15.76
N CYS A 39 1.62 -3.71 14.67
CA CYS A 39 0.57 -4.69 14.39
C CYS A 39 1.18 -6.07 14.18
N ILE A 40 2.29 -6.08 13.47
CA ILE A 40 3.02 -7.31 13.21
C ILE A 40 3.45 -7.93 14.51
N VAL A 41 3.83 -7.08 15.47
CA VAL A 41 4.23 -7.57 16.79
C VAL A 41 3.04 -8.15 17.57
N LEU A 42 1.89 -7.47 17.53
CA LEU A 42 0.71 -8.00 18.22
C LEU A 42 0.34 -9.38 17.65
N VAL A 43 0.49 -9.57 16.34
CA VAL A 43 0.17 -10.87 15.72
C VAL A 43 1.17 -11.96 16.16
N LEU A 44 2.43 -11.55 16.31
CA LEU A 44 3.48 -12.46 16.77
C LEU A 44 3.25 -12.92 18.20
N LYS A 45 2.73 -12.01 19.02
CA LYS A 45 2.42 -12.30 20.42
C LYS A 45 1.18 -13.14 20.52
N GLY A 46 0.35 -13.09 19.47
CA GLY A 46 -0.92 -13.82 19.47
C GLY A 46 -2.05 -12.95 19.99
N GLU A 47 -1.81 -11.64 20.07
CA GLU A 47 -2.84 -10.72 20.57
C GLU A 47 -3.75 -10.22 19.46
N ALA A 48 -3.28 -10.37 18.22
CA ALA A 48 -4.08 -10.07 17.03
C ALA A 48 -3.86 -11.25 16.09
N ASP A 49 -4.81 -11.52 15.20
CA ASP A 49 -4.64 -12.64 14.26
C ASP A 49 -4.08 -12.26 12.91
N ALA A 50 -4.63 -11.22 12.29
CA ALA A 50 -4.21 -10.85 10.94
C ALA A 50 -4.42 -9.39 10.62
N LEU A 51 -3.98 -9.04 9.43
CA LEU A 51 -4.14 -7.71 8.87
C LEU A 51 -3.67 -7.81 7.43
N ASN A 52 -4.11 -6.88 6.60
CA ASN A 52 -3.72 -6.85 5.20
C ASN A 52 -2.43 -6.03 5.03
N LEU A 53 -1.44 -6.57 4.32
CA LEU A 53 -0.14 -5.90 4.18
C LEU A 53 0.43 -5.66 2.77
N ASP A 54 1.11 -4.53 2.61
CA ASP A 54 1.83 -4.23 1.40
C ASP A 54 3.02 -5.22 1.32
N GLY A 55 3.43 -5.56 0.11
CA GLY A 55 4.53 -6.49 -0.08
C GLY A 55 5.76 -6.23 0.77
N GLY A 56 6.09 -4.95 0.98
CA GLY A 56 7.25 -4.59 1.78
C GLY A 56 7.19 -5.05 3.23
N TYR A 57 5.99 -5.06 3.79
CA TYR A 57 5.82 -5.50 5.17
C TYR A 57 5.72 -7.02 5.18
N ILE A 58 5.25 -7.61 4.09
CA ILE A 58 5.13 -9.05 4.00
C ILE A 58 6.51 -9.65 4.18
N TYR A 59 7.50 -8.94 3.68
CA TYR A 59 8.90 -9.34 3.81
C TYR A 59 9.31 -9.25 5.29
N THR A 60 8.91 -8.16 5.96
CA THR A 60 9.20 -7.97 7.40
C THR A 60 8.53 -9.06 8.22
N ALA A 61 7.24 -9.26 7.98
CA ALA A 61 6.47 -10.27 8.69
C ALA A 61 7.02 -11.64 8.34
N GLY A 62 7.39 -11.81 7.08
CA GLY A 62 7.91 -13.08 6.59
C GLY A 62 9.13 -13.59 7.33
N LYS A 63 10.05 -12.70 7.65
CA LYS A 63 11.23 -13.10 8.39
C LYS A 63 10.89 -13.42 9.84
N CYS A 64 9.79 -12.88 10.34
CA CYS A 64 9.34 -13.14 11.71
C CYS A 64 8.45 -14.39 11.78
N GLY A 65 8.25 -15.04 10.63
CA GLY A 65 7.47 -16.27 10.60
C GLY A 65 6.00 -16.19 10.25
N LEU A 66 5.53 -15.03 9.80
CA LEU A 66 4.11 -14.92 9.41
C LEU A 66 3.98 -15.34 7.95
N VAL A 67 2.80 -15.79 7.56
CA VAL A 67 2.58 -16.26 6.20
C VAL A 67 1.44 -15.59 5.49
N PRO A 68 1.53 -15.51 4.16
CA PRO A 68 0.48 -14.90 3.34
C PRO A 68 -0.66 -15.92 3.37
N VAL A 69 -1.91 -15.44 3.52
CA VAL A 69 -3.09 -16.30 3.62
C VAL A 69 -4.00 -16.18 2.40
N LEU A 70 -4.40 -14.95 2.08
CA LEU A 70 -5.29 -14.65 0.96
C LEU A 70 -4.74 -13.36 0.36
N ALA A 71 -4.90 -13.17 -0.95
CA ALA A 71 -4.40 -11.94 -1.57
C ALA A 71 -5.48 -11.05 -2.19
N GLU A 72 -5.25 -9.74 -2.19
CA GLU A 72 -6.17 -8.79 -2.83
C GLU A 72 -6.22 -9.06 -4.35
N ASN A 73 -7.43 -9.05 -4.91
CA ASN A 73 -7.62 -9.27 -6.34
C ASN A 73 -8.54 -8.17 -6.87
N ARG A 74 -8.10 -7.46 -7.89
CA ARG A 74 -8.93 -6.40 -8.48
C ARG A 74 -9.39 -6.80 -9.89
N LYS A 75 -10.21 -5.95 -10.52
CA LYS A 75 -10.76 -6.18 -11.86
C LYS A 75 -9.77 -6.72 -12.91
N SER A 76 -10.25 -7.61 -13.79
CA SER A 76 -9.42 -8.21 -14.82
C SER A 76 -10.01 -8.21 -16.23
N SER A 77 -9.13 -8.29 -17.23
CA SER A 77 -9.51 -8.31 -18.62
C SER A 77 -9.10 -9.66 -19.24
N LYS A 78 -8.88 -10.60 -18.34
CA LYS A 78 -8.53 -11.97 -18.69
C LYS A 78 -8.91 -12.78 -17.46
N HIS A 79 -8.76 -14.10 -17.52
CA HIS A 79 -9.13 -14.96 -16.40
C HIS A 79 -10.55 -14.57 -15.99
N SER A 80 -11.32 -14.05 -16.93
CA SER A 80 -12.68 -13.57 -16.67
C SER A 80 -13.67 -14.67 -16.32
N SER A 81 -13.63 -15.76 -17.08
CA SER A 81 -14.55 -16.88 -16.88
C SER A 81 -14.50 -17.52 -15.48
N LEU A 82 -13.30 -17.60 -14.91
CA LEU A 82 -13.17 -18.17 -13.57
C LEU A 82 -13.50 -17.15 -12.47
N ASP A 83 -13.92 -17.65 -11.32
CA ASP A 83 -14.29 -16.79 -10.19
C ASP A 83 -13.12 -15.99 -9.60
N CYS A 84 -13.45 -14.84 -9.02
CA CYS A 84 -12.45 -13.96 -8.42
C CYS A 84 -11.64 -14.64 -7.33
N VAL A 85 -12.30 -15.38 -6.45
CA VAL A 85 -11.62 -16.04 -5.35
C VAL A 85 -10.66 -17.13 -5.81
N LEU A 86 -10.87 -17.64 -7.02
CA LEU A 86 -10.01 -18.70 -7.57
C LEU A 86 -9.03 -18.18 -8.62
N ARG A 87 -9.28 -16.96 -9.10
CA ARG A 87 -8.46 -16.31 -10.11
C ARG A 87 -7.07 -15.89 -9.59
N PRO A 88 -6.02 -16.10 -10.39
CA PRO A 88 -4.66 -15.74 -9.96
C PRO A 88 -4.50 -14.21 -9.91
N THR A 89 -3.76 -13.71 -8.92
CA THR A 89 -3.52 -12.27 -8.76
C THR A 89 -2.53 -11.72 -9.80
N GLU A 90 -2.88 -10.61 -10.44
CA GLU A 90 -2.04 -10.02 -11.48
C GLU A 90 -0.92 -9.04 -11.08
N GLY A 91 -0.95 -8.51 -9.86
CA GLY A 91 0.08 -7.57 -9.44
C GLY A 91 -0.18 -6.16 -9.98
N TYR A 92 0.34 -5.15 -9.31
CA TYR A 92 0.12 -3.79 -9.77
C TYR A 92 1.40 -3.13 -10.24
N LEU A 93 1.25 -2.03 -10.98
CA LEU A 93 2.39 -1.32 -11.53
C LEU A 93 2.86 -0.15 -10.68
N ALA A 94 4.10 -0.22 -10.23
CA ALA A 94 4.70 0.87 -9.47
C ALA A 94 5.11 1.94 -10.48
N VAL A 95 4.62 3.16 -10.31
CA VAL A 95 4.95 4.25 -11.23
C VAL A 95 5.47 5.49 -10.49
N ALA A 96 6.10 6.39 -11.24
CA ALA A 96 6.59 7.67 -10.72
C ALA A 96 5.78 8.70 -11.47
N VAL A 97 5.13 9.59 -10.74
CA VAL A 97 4.24 10.57 -11.34
C VAL A 97 4.64 12.00 -11.06
N VAL A 98 4.52 12.84 -12.09
CA VAL A 98 4.82 14.26 -12.00
C VAL A 98 3.73 15.05 -12.70
N LYS A 99 3.76 16.37 -12.51
CA LYS A 99 2.80 17.26 -13.13
C LYS A 99 3.29 17.52 -14.57
N LYS A 100 2.37 17.61 -15.52
CA LYS A 100 2.79 17.88 -16.89
C LYS A 100 3.51 19.24 -16.95
N ALA A 101 3.02 20.21 -16.18
CA ALA A 101 3.56 21.56 -16.15
C ALA A 101 5.02 21.64 -15.73
N ASN A 102 5.49 20.62 -15.03
CA ASN A 102 6.88 20.57 -14.56
C ASN A 102 7.70 19.96 -15.69
N GLU A 103 7.85 20.72 -16.77
CA GLU A 103 8.54 20.24 -17.95
C GLU A 103 9.99 19.95 -17.72
N GLY A 104 10.53 19.01 -18.50
CA GLY A 104 11.93 18.64 -18.35
C GLY A 104 12.28 17.93 -17.06
N LEU A 105 11.29 17.56 -16.27
CA LEU A 105 11.61 16.78 -15.09
C LEU A 105 11.52 15.34 -15.60
N THR A 106 12.62 14.61 -15.55
CA THR A 106 12.62 13.24 -16.00
C THR A 106 13.24 12.37 -14.91
N TRP A 107 13.31 11.07 -15.17
CA TRP A 107 13.91 10.16 -14.22
C TRP A 107 15.38 10.52 -13.97
N ASN A 108 16.01 11.16 -14.95
CA ASN A 108 17.42 11.51 -14.84
C ASN A 108 17.73 12.86 -14.19
N SER A 109 16.70 13.64 -13.90
CA SER A 109 16.92 14.92 -13.25
C SER A 109 16.15 14.99 -11.92
N LEU A 110 16.09 13.85 -11.21
CA LEU A 110 15.37 13.76 -9.94
C LEU A 110 16.16 14.24 -8.75
N LYS A 111 17.48 14.21 -8.86
CA LYS A 111 18.35 14.63 -7.77
C LYS A 111 17.95 16.02 -7.29
N ASP A 112 17.87 16.20 -5.97
CA ASP A 112 17.51 17.50 -5.37
C ASP A 112 16.09 17.99 -5.58
N LYS A 113 15.21 17.12 -6.06
CA LYS A 113 13.82 17.52 -6.21
C LYS A 113 13.06 17.14 -4.94
N LYS A 114 11.75 17.38 -4.92
CA LYS A 114 10.94 17.06 -3.75
C LYS A 114 10.07 15.84 -4.04
N SER A 115 10.09 14.87 -3.12
CA SER A 115 9.38 13.61 -3.32
C SER A 115 8.29 13.27 -2.34
N CYS A 116 7.32 12.50 -2.81
CA CYS A 116 6.19 12.04 -2.03
C CYS A 116 6.12 10.51 -2.07
N HIS A 117 6.33 9.88 -0.92
CA HIS A 117 6.30 8.44 -0.78
C HIS A 117 5.11 8.00 0.05
N THR A 118 4.61 6.81 -0.23
CA THR A 118 3.49 6.28 0.51
C THR A 118 3.89 6.11 1.98
N ALA A 119 5.10 5.57 2.19
CA ALA A 119 5.68 5.34 3.52
C ALA A 119 6.97 4.53 3.37
N VAL A 120 7.89 4.72 4.30
CA VAL A 120 9.14 3.94 4.32
C VAL A 120 8.80 2.43 4.36
N ASP A 121 9.62 1.62 3.71
CA ASP A 121 9.42 0.16 3.69
C ASP A 121 8.32 -0.40 2.78
N ARG A 122 7.56 0.47 2.13
CA ARG A 122 6.51 -0.02 1.24
C ARG A 122 7.03 -0.23 -0.18
N THR A 123 6.35 -1.08 -0.95
CA THR A 123 6.80 -1.46 -2.28
C THR A 123 6.94 -0.35 -3.34
N ALA A 124 5.83 0.27 -3.72
CA ALA A 124 5.86 1.30 -4.74
C ALA A 124 6.35 2.63 -4.21
N GLY A 125 6.04 2.91 -2.96
CA GLY A 125 6.45 4.18 -2.41
C GLY A 125 7.89 4.25 -1.97
N TRP A 126 8.50 3.11 -1.68
CA TRP A 126 9.85 3.13 -1.15
C TRP A 126 10.88 2.11 -1.67
N ASN A 127 10.58 0.82 -1.51
CA ASN A 127 11.53 -0.21 -1.90
C ASN A 127 11.94 -0.18 -3.34
N ILE A 128 10.97 -0.10 -4.23
CA ILE A 128 11.30 -0.09 -5.64
C ILE A 128 12.04 1.17 -6.06
N PRO A 129 11.46 2.35 -5.83
CA PRO A 129 12.18 3.55 -6.26
C PRO A 129 13.55 3.82 -5.60
N MET A 130 13.65 3.62 -4.29
CA MET A 130 14.92 3.82 -3.58
C MET A 130 15.93 2.74 -3.93
N GLY A 131 15.43 1.54 -4.22
CA GLY A 131 16.30 0.45 -4.62
C GLY A 131 16.97 0.84 -5.92
N LEU A 132 16.18 1.32 -6.86
CA LEU A 132 16.69 1.78 -8.15
C LEU A 132 17.65 2.94 -7.98
N ILE A 133 17.30 3.89 -7.12
CA ILE A 133 18.14 5.05 -6.90
C ILE A 133 19.46 4.70 -6.24
N VAL A 134 19.44 3.75 -5.31
CA VAL A 134 20.70 3.34 -4.66
C VAL A 134 21.60 2.62 -5.67
N ASN A 135 20.98 1.85 -6.57
CA ASN A 135 21.72 1.11 -7.57
C ASN A 135 22.32 2.02 -8.62
N GLN A 136 21.53 2.97 -9.10
CA GLN A 136 21.98 3.93 -10.09
C GLN A 136 23.01 4.88 -9.48
N THR A 137 22.94 5.06 -8.17
CA THR A 137 23.80 6.00 -7.48
C THR A 137 25.07 5.47 -6.81
N GLY A 138 25.16 4.16 -6.64
CA GLY A 138 26.34 3.58 -6.00
C GLY A 138 26.54 4.02 -4.57
N SER A 139 25.55 4.74 -4.05
CA SER A 139 25.61 5.22 -2.67
C SER A 139 24.38 4.82 -1.87
N CYS A 140 24.61 4.51 -0.60
CA CYS A 140 23.55 4.13 0.33
C CYS A 140 22.95 5.37 1.00
N ALA A 141 23.40 6.55 0.58
CA ALA A 141 22.92 7.79 1.17
C ALA A 141 21.62 8.30 0.55
N PHE A 142 20.61 7.44 0.50
CA PHE A 142 19.31 7.84 -0.04
C PHE A 142 18.66 8.93 0.82
N ASP A 143 19.22 9.17 1.99
CA ASP A 143 18.69 10.20 2.88
C ASP A 143 19.05 11.59 2.35
N GLU A 144 19.91 11.64 1.33
CA GLU A 144 20.35 12.91 0.76
C GLU A 144 20.04 13.12 -0.72
N PHE A 145 19.44 12.12 -1.38
CA PHE A 145 19.10 12.24 -2.81
C PHE A 145 18.11 13.35 -3.10
N PHE A 146 16.96 13.32 -2.42
CA PHE A 146 15.94 14.35 -2.60
C PHE A 146 16.21 15.46 -1.60
N SER A 147 15.91 16.69 -1.97
CA SER A 147 16.14 17.82 -1.07
C SER A 147 15.18 17.74 0.11
N GLN A 148 13.92 17.40 -0.16
CA GLN A 148 12.88 17.28 0.87
C GLN A 148 11.88 16.23 0.43
N SER A 149 11.30 15.53 1.38
CA SER A 149 10.31 14.51 1.06
C SER A 149 9.31 14.39 2.18
N CYS A 150 8.31 13.58 1.90
CA CYS A 150 7.38 13.18 2.91
C CYS A 150 7.40 11.68 2.73
N ALA A 151 8.09 11.01 3.63
CA ALA A 151 8.22 9.56 3.61
C ALA A 151 7.78 9.11 4.99
N PRO A 152 6.47 8.97 5.19
CA PRO A 152 5.93 8.54 6.49
C PRO A 152 6.73 7.39 7.07
N GLY A 153 7.11 7.50 8.34
CA GLY A 153 7.89 6.43 8.96
C GLY A 153 9.37 6.74 9.13
N ALA A 154 9.80 7.89 8.65
CA ALA A 154 11.19 8.28 8.81
C ALA A 154 11.31 9.20 10.03
N ASP A 155 12.54 9.59 10.36
CA ASP A 155 12.80 10.47 11.50
C ASP A 155 12.12 11.83 11.26
N PRO A 156 11.11 12.16 12.09
CA PRO A 156 10.38 13.43 11.94
C PRO A 156 11.26 14.66 11.80
N LYS A 157 12.48 14.58 12.32
CA LYS A 157 13.40 15.72 12.25
C LYS A 157 14.26 15.78 10.98
N SER A 158 14.21 14.73 10.17
CA SER A 158 15.02 14.69 8.95
C SER A 158 14.32 15.33 7.75
N ARG A 159 15.09 15.55 6.68
CA ARG A 159 14.55 16.12 5.45
C ARG A 159 13.55 15.17 4.77
N LEU A 160 13.62 13.90 5.15
CA LEU A 160 12.70 12.88 4.62
C LEU A 160 11.29 13.04 5.17
N CYS A 161 11.09 13.97 6.12
CA CYS A 161 9.78 14.21 6.72
C CYS A 161 9.37 15.68 6.63
N ALA A 162 10.21 16.48 6.01
CA ALA A 162 9.95 17.91 5.87
C ALA A 162 8.61 18.26 5.20
N LEU A 163 8.23 17.48 4.19
CA LEU A 163 7.00 17.76 3.46
C LEU A 163 5.73 17.20 4.07
N CYS A 164 5.87 16.30 5.04
CA CYS A 164 4.70 15.74 5.70
C CYS A 164 4.02 16.81 6.54
N ALA A 165 2.68 16.74 6.64
CA ALA A 165 1.92 17.76 7.35
C ALA A 165 1.28 17.35 8.68
N GLY A 166 1.20 16.06 8.99
CA GLY A 166 0.56 15.67 10.23
C GLY A 166 -0.95 15.68 10.06
N ASP A 167 -1.68 15.63 11.17
CA ASP A 167 -3.15 15.63 11.10
C ASP A 167 -3.74 17.04 11.05
N ASP A 168 -5.06 17.10 11.16
CA ASP A 168 -5.82 18.36 11.14
C ASP A 168 -5.33 19.39 12.14
N GLN A 169 -4.47 18.96 13.06
CA GLN A 169 -3.94 19.84 14.10
C GLN A 169 -2.43 20.04 14.05
N GLY A 170 -1.78 19.42 13.08
CA GLY A 170 -0.33 19.52 12.96
C GLY A 170 0.45 18.48 13.77
N LEU A 171 -0.27 17.62 14.50
CA LEU A 171 0.39 16.61 15.30
C LEU A 171 0.59 15.33 14.49
N ASP A 172 1.36 14.38 15.03
CA ASP A 172 1.61 13.12 14.36
C ASP A 172 2.30 13.26 13.02
N LYS A 173 3.12 14.30 12.90
CA LYS A 173 3.86 14.57 11.68
C LYS A 173 4.75 13.41 11.23
N CYS A 174 4.50 12.92 10.02
CA CYS A 174 5.27 11.82 9.45
C CYS A 174 4.96 10.43 10.07
N VAL A 175 3.84 10.26 10.78
CA VAL A 175 3.55 8.92 11.31
C VAL A 175 3.14 8.05 10.14
N PRO A 176 3.52 6.77 10.17
CA PRO A 176 3.16 5.89 9.07
C PRO A 176 1.77 5.24 9.24
N ASN A 177 0.76 6.10 9.32
CA ASN A 177 -0.64 5.70 9.39
C ASN A 177 -1.46 6.87 8.81
N SER A 178 -2.74 6.66 8.54
CA SER A 178 -3.57 7.69 7.90
C SER A 178 -3.78 9.01 8.62
N LYS A 179 -3.34 9.16 9.87
CA LYS A 179 -3.51 10.47 10.51
C LYS A 179 -2.64 11.48 9.76
N GLU A 180 -1.52 10.99 9.21
CA GLU A 180 -0.63 11.83 8.42
C GLU A 180 -1.26 12.06 7.04
N LYS A 181 -1.57 13.32 6.80
CA LYS A 181 -2.21 13.82 5.59
C LYS A 181 -1.70 13.24 4.26
N TYR A 182 -0.39 13.10 4.14
CA TYR A 182 0.18 12.57 2.91
C TYR A 182 0.65 11.13 2.99
N TYR A 183 -0.01 10.33 3.82
CA TYR A 183 0.31 8.90 3.97
C TYR A 183 -0.32 8.03 2.86
N GLY A 184 0.28 6.86 2.60
CA GLY A 184 -0.26 5.92 1.62
C GLY A 184 -0.35 6.38 0.18
N TYR A 185 -1.03 5.58 -0.64
CA TYR A 185 -1.16 5.89 -2.05
C TYR A 185 -1.83 7.21 -2.32
N THR A 186 -2.96 7.43 -1.65
CA THR A 186 -3.76 8.63 -1.81
C THR A 186 -3.02 9.87 -1.30
N GLY A 187 -2.39 9.74 -0.13
CA GLY A 187 -1.67 10.86 0.47
C GLY A 187 -0.46 11.30 -0.33
N ALA A 188 0.33 10.33 -0.80
CA ALA A 188 1.49 10.67 -1.61
C ALA A 188 1.01 11.31 -2.90
N PHE A 189 -0.11 10.84 -3.44
CA PHE A 189 -0.58 11.44 -4.67
C PHE A 189 -1.13 12.85 -4.41
N ARG A 190 -1.69 13.06 -3.22
CA ARG A 190 -2.23 14.37 -2.87
C ARG A 190 -1.08 15.34 -2.68
N CYS A 191 0.05 14.82 -2.24
CA CYS A 191 1.27 15.60 -1.98
C CYS A 191 1.79 16.19 -3.28
N LEU A 192 1.64 15.44 -4.37
CA LEU A 192 2.06 15.92 -5.67
C LEU A 192 0.97 16.83 -6.22
N ALA A 193 -0.27 16.41 -6.05
CA ALA A 193 -1.39 17.18 -6.54
C ALA A 193 -1.44 18.61 -5.97
N GLU A 194 -1.09 18.77 -4.70
CA GLU A 194 -1.07 20.08 -4.06
C GLU A 194 0.27 20.78 -4.29
N ASP A 195 1.08 20.20 -5.18
CA ASP A 195 2.38 20.75 -5.54
C ASP A 195 3.31 20.92 -4.37
N VAL A 196 3.13 20.07 -3.36
CA VAL A 196 4.01 20.05 -2.21
C VAL A 196 5.30 19.33 -2.66
N GLY A 197 5.15 18.26 -3.43
CA GLY A 197 6.31 17.57 -3.96
C GLY A 197 6.34 17.65 -5.48
N ASP A 198 7.47 17.29 -6.08
CA ASP A 198 7.61 17.27 -7.54
C ASP A 198 7.24 15.90 -8.12
N VAL A 199 7.46 14.84 -7.35
CA VAL A 199 7.17 13.49 -7.81
C VAL A 199 6.56 12.62 -6.72
N ALA A 200 5.63 11.76 -7.14
CA ALA A 200 4.96 10.84 -6.25
C ALA A 200 5.23 9.39 -6.69
N PHE A 201 5.57 8.55 -5.72
CA PHE A 201 5.84 7.14 -5.99
C PHE A 201 4.64 6.38 -5.47
N VAL A 202 3.77 6.04 -6.41
CA VAL A 202 2.53 5.36 -6.12
C VAL A 202 2.38 4.24 -7.11
N LYS A 203 1.16 3.74 -7.25
CA LYS A 203 0.91 2.69 -8.21
C LYS A 203 0.10 3.34 -9.31
N ASN A 204 -0.05 2.64 -10.42
CA ASN A 204 -0.78 3.20 -11.52
C ASN A 204 -2.28 3.42 -11.26
N ASP A 205 -2.88 2.59 -10.42
CA ASP A 205 -4.31 2.73 -10.13
C ASP A 205 -4.65 4.04 -9.40
N THR A 206 -3.73 4.54 -8.59
CA THR A 206 -3.96 5.75 -7.80
C THR A 206 -4.26 6.97 -8.63
N VAL A 207 -3.50 7.15 -9.70
CA VAL A 207 -3.69 8.28 -10.61
C VAL A 207 -5.10 8.28 -11.20
N TRP A 208 -5.55 7.12 -11.66
CA TRP A 208 -6.87 6.93 -12.25
C TRP A 208 -8.06 7.07 -11.31
N GLU A 209 -7.86 6.78 -10.03
CA GLU A 209 -8.95 6.84 -9.06
C GLU A 209 -9.14 8.20 -8.44
N ASN A 210 -8.16 9.08 -8.61
CA ASN A 210 -8.25 10.40 -8.02
C ASN A 210 -8.20 11.52 -9.06
N THR A 211 -8.73 11.24 -10.25
CA THR A 211 -8.76 12.21 -11.34
C THR A 211 -9.99 11.99 -12.20
N ASN A 212 -10.32 13.02 -12.98
CA ASN A 212 -11.46 13.00 -13.89
C ASN A 212 -12.79 12.66 -13.21
N GLY A 213 -13.00 13.19 -12.01
CA GLY A 213 -14.23 12.98 -11.28
C GLY A 213 -14.43 11.70 -10.50
N GLU A 214 -13.48 10.76 -10.59
CA GLU A 214 -13.60 9.48 -9.88
C GLU A 214 -13.64 9.66 -8.36
N SER A 215 -12.92 10.66 -7.87
CA SER A 215 -12.90 10.98 -6.44
C SER A 215 -13.63 12.30 -6.23
N THR A 216 -14.45 12.39 -5.19
CA THR A 216 -15.18 13.61 -4.93
C THR A 216 -14.55 14.44 -3.81
N ALA A 217 -13.35 14.06 -3.41
CA ALA A 217 -12.63 14.78 -2.37
C ALA A 217 -12.37 16.20 -2.87
N ASP A 218 -12.20 17.13 -1.93
CA ASP A 218 -11.96 18.53 -2.21
C ASP A 218 -10.68 18.84 -3.00
N TRP A 219 -9.61 18.10 -2.70
CA TRP A 219 -8.33 18.30 -3.37
C TRP A 219 -8.22 17.56 -4.71
N ALA A 220 -9.08 16.57 -4.94
CA ALA A 220 -9.03 15.75 -6.16
C ALA A 220 -10.11 16.11 -7.16
N LYS A 221 -11.13 16.80 -6.65
CA LYS A 221 -12.27 17.30 -7.41
C LYS A 221 -11.93 17.74 -8.86
N ASN A 222 -10.95 18.63 -9.00
CA ASN A 222 -10.58 19.18 -10.30
C ASN A 222 -9.31 18.64 -10.95
N LEU A 223 -8.85 17.46 -10.54
CA LEU A 223 -7.63 16.93 -11.15
C LEU A 223 -7.97 16.22 -12.46
N LYS A 224 -7.13 16.43 -13.47
CA LYS A 224 -7.32 15.83 -14.80
C LYS A 224 -6.12 14.96 -15.14
N ARG A 225 -6.36 13.77 -15.68
CA ARG A 225 -5.28 12.85 -16.06
C ARG A 225 -4.25 13.47 -16.97
N GLU A 226 -4.69 14.30 -17.91
CA GLU A 226 -3.78 14.94 -18.84
C GLU A 226 -2.82 15.91 -18.18
N ASP A 227 -3.13 16.32 -16.95
CA ASP A 227 -2.24 17.22 -16.25
C ASP A 227 -1.08 16.47 -15.59
N PHE A 228 -1.11 15.14 -15.70
CA PHE A 228 -0.05 14.32 -15.14
C PHE A 228 0.74 13.55 -16.18
N ARG A 229 1.97 13.19 -15.80
CA ARG A 229 2.87 12.42 -16.66
C ARG A 229 3.61 11.37 -15.85
N LEU A 230 3.84 10.21 -16.47
CA LEU A 230 4.60 9.13 -15.84
C LEU A 230 6.08 9.24 -16.22
N LEU A 231 6.97 8.93 -15.29
CA LEU A 231 8.41 8.94 -15.58
C LEU A 231 8.91 7.51 -15.84
N CYS A 232 9.43 7.27 -17.04
CA CYS A 232 9.96 5.95 -17.37
C CYS A 232 11.45 5.92 -17.06
N LEU A 233 12.00 4.72 -17.00
CA LEU A 233 13.41 4.54 -16.70
C LEU A 233 14.34 4.90 -17.87
N ASP A 234 13.81 4.99 -19.09
CA ASP A 234 14.63 5.34 -20.24
C ASP A 234 14.81 6.86 -20.41
N GLY A 235 14.18 7.63 -19.53
CA GLY A 235 14.30 9.08 -19.59
C GLY A 235 13.12 9.78 -20.23
N THR A 236 12.13 9.04 -20.68
CA THR A 236 10.97 9.65 -21.32
C THR A 236 9.85 10.00 -20.34
N ARG A 237 8.86 10.74 -20.83
CA ARG A 237 7.68 11.11 -20.05
C ARG A 237 6.48 10.64 -20.85
N LYS A 238 5.55 9.93 -20.22
CA LYS A 238 4.41 9.44 -20.96
C LYS A 238 3.06 9.67 -20.29
N PRO A 239 1.99 9.65 -21.09
CA PRO A 239 0.65 9.84 -20.58
C PRO A 239 0.39 8.70 -19.58
N VAL A 240 -0.54 8.92 -18.66
CA VAL A 240 -0.83 7.91 -17.66
C VAL A 240 -1.48 6.68 -18.29
N THR A 241 -1.86 6.79 -19.56
CA THR A 241 -2.48 5.66 -20.27
C THR A 241 -1.42 4.67 -20.77
N GLU A 242 -0.16 5.07 -20.67
CA GLU A 242 0.95 4.26 -21.14
C GLU A 242 1.69 3.53 -20.03
N ALA A 243 1.02 3.28 -18.92
CA ALA A 243 1.68 2.63 -17.79
C ALA A 243 2.26 1.25 -18.08
N GLN A 244 1.62 0.50 -18.97
CA GLN A 244 2.13 -0.83 -19.28
C GLN A 244 3.53 -0.78 -19.88
N SER A 245 3.92 0.38 -20.41
CA SER A 245 5.22 0.52 -21.03
C SER A 245 6.10 1.56 -20.33
N CYS A 246 5.67 2.04 -19.18
CA CYS A 246 6.40 3.07 -18.43
C CYS A 246 6.17 2.97 -16.92
N HIS A 247 6.63 1.86 -16.34
CA HIS A 247 6.50 1.62 -14.91
C HIS A 247 7.87 1.24 -14.36
N LEU A 248 8.03 1.37 -13.05
CA LEU A 248 9.30 1.03 -12.42
C LEU A 248 9.36 -0.47 -12.11
N ALA A 249 8.20 -1.09 -11.90
CA ALA A 249 8.16 -2.54 -11.62
C ALA A 249 6.72 -2.99 -11.43
N VAL A 250 6.49 -4.30 -11.46
CA VAL A 250 5.16 -4.80 -11.18
C VAL A 250 5.32 -5.31 -9.75
N ALA A 251 4.37 -4.95 -8.89
CA ALA A 251 4.44 -5.31 -7.47
C ALA A 251 3.49 -6.40 -7.08
N PRO A 252 3.90 -7.29 -6.15
CA PRO A 252 2.94 -8.33 -5.76
C PRO A 252 1.82 -7.64 -4.96
N ASN A 253 0.60 -8.12 -5.11
CA ASN A 253 -0.54 -7.55 -4.43
C ASN A 253 -0.42 -7.56 -2.93
N HIS A 254 -1.08 -6.60 -2.28
CA HIS A 254 -1.12 -6.58 -0.83
C HIS A 254 -1.80 -7.91 -0.50
N ALA A 255 -1.46 -8.46 0.66
CA ALA A 255 -2.05 -9.72 1.09
C ALA A 255 -2.24 -9.76 2.59
N VAL A 256 -3.22 -10.54 3.02
CA VAL A 256 -3.52 -10.78 4.41
C VAL A 256 -2.48 -11.79 4.94
N VAL A 257 -1.88 -11.49 6.08
CA VAL A 257 -0.93 -12.41 6.68
C VAL A 257 -1.36 -12.75 8.11
N SER A 258 -0.88 -13.88 8.60
CA SER A 258 -1.19 -14.31 9.96
C SER A 258 -0.07 -15.24 10.40
N ARG A 259 -0.08 -15.64 11.66
CA ARG A 259 0.88 -16.60 12.15
C ARG A 259 0.43 -17.92 11.49
N SER A 260 1.37 -18.79 11.10
CA SER A 260 1.00 -20.03 10.45
C SER A 260 0.09 -20.97 11.24
N ASP A 261 0.18 -20.97 12.57
CA ASP A 261 -0.68 -21.84 13.37
C ASP A 261 -2.15 -21.35 13.39
N ARG A 262 -2.36 -20.19 12.78
CA ARG A 262 -3.69 -19.57 12.71
C ARG A 262 -4.14 -19.33 11.27
N ALA A 263 -3.24 -19.58 10.31
CA ALA A 263 -3.53 -19.36 8.89
C ALA A 263 -4.82 -20.02 8.38
N ALA A 264 -5.00 -21.29 8.71
CA ALA A 264 -6.19 -22.02 8.27
C ALA A 264 -7.48 -21.43 8.79
N HIS A 265 -7.48 -21.06 10.07
CA HIS A 265 -8.69 -20.51 10.70
C HIS A 265 -9.03 -19.12 10.19
N VAL A 266 -8.00 -18.30 10.04
CA VAL A 266 -8.15 -16.92 9.55
C VAL A 266 -8.70 -16.93 8.12
N GLU A 267 -8.29 -17.92 7.35
CA GLU A 267 -8.71 -18.10 5.97
C GLU A 267 -10.21 -18.38 5.86
N GLN A 268 -10.68 -19.38 6.60
CA GLN A 268 -12.09 -19.77 6.62
C GLN A 268 -13.00 -18.62 7.02
N VAL A 269 -12.63 -17.93 8.11
CA VAL A 269 -13.43 -16.81 8.59
C VAL A 269 -13.54 -15.69 7.57
N LEU A 270 -12.45 -15.41 6.89
CA LEU A 270 -12.42 -14.35 5.90
C LEU A 270 -13.16 -14.63 4.63
N LEU A 271 -13.15 -15.90 4.20
CA LEU A 271 -13.90 -16.25 2.99
C LEU A 271 -15.38 -16.09 3.25
N HIS A 272 -15.83 -16.41 4.46
CA HIS A 272 -17.25 -16.23 4.85
C HIS A 272 -17.54 -14.73 4.99
N GLN A 273 -16.60 -13.98 5.57
CA GLN A 273 -16.82 -12.57 5.75
C GLN A 273 -16.99 -11.80 4.44
N GLN A 274 -16.29 -12.22 3.38
CA GLN A 274 -16.43 -11.54 2.10
C GLN A 274 -17.67 -11.97 1.33
N ALA A 275 -18.22 -13.13 1.68
CA ALA A 275 -19.44 -13.58 1.04
C ALA A 275 -20.58 -12.67 1.52
N LEU A 276 -20.45 -12.16 2.75
CA LEU A 276 -21.44 -11.27 3.37
C LEU A 276 -21.26 -9.80 3.03
N PHE A 277 -20.04 -9.29 3.23
CA PHE A 277 -19.75 -7.88 3.04
C PHE A 277 -18.88 -7.58 1.82
N GLY A 278 -18.63 -8.58 0.99
CA GLY A 278 -17.82 -8.35 -0.20
C GLY A 278 -18.51 -7.55 -1.31
N LYS A 279 -17.89 -7.52 -2.49
CA LYS A 279 -18.40 -6.78 -3.66
C LYS A 279 -19.83 -7.18 -4.05
N ASN A 280 -20.09 -8.47 -4.14
CA ASN A 280 -21.44 -8.97 -4.45
C ASN A 280 -22.07 -9.50 -3.16
N GLY A 281 -21.50 -9.08 -2.04
CA GLY A 281 -21.90 -9.56 -0.74
C GLY A 281 -23.35 -9.44 -0.34
N LYS A 282 -23.75 -10.37 0.53
CA LYS A 282 -25.09 -10.47 1.08
C LYS A 282 -25.55 -9.16 1.75
N ASN A 283 -24.62 -8.47 2.44
CA ASN A 283 -24.98 -7.27 3.17
C ASN A 283 -24.35 -5.98 2.69
N CYS A 284 -23.69 -6.03 1.54
CA CYS A 284 -23.11 -4.84 0.94
C CYS A 284 -23.93 -4.59 -0.32
N PRO A 285 -24.30 -3.33 -0.59
CA PRO A 285 -23.98 -2.09 0.14
C PRO A 285 -24.95 -1.66 1.25
N ASP A 286 -26.13 -2.27 1.31
CA ASP A 286 -27.14 -1.86 2.29
C ASP A 286 -26.72 -1.80 3.75
N LYS A 287 -26.02 -2.82 4.25
CA LYS A 287 -25.59 -2.75 5.65
C LYS A 287 -24.10 -2.41 5.75
N PHE A 288 -23.23 -3.19 5.11
CA PHE A 288 -21.81 -2.91 5.19
C PHE A 288 -20.97 -3.47 4.05
N CYS A 289 -19.98 -2.68 3.63
CA CYS A 289 -19.05 -3.09 2.59
C CYS A 289 -17.60 -3.06 3.10
N LEU A 290 -16.98 -4.23 3.10
CA LEU A 290 -15.59 -4.38 3.56
C LEU A 290 -14.55 -3.67 2.71
N PHE A 291 -14.81 -3.60 1.41
CA PHE A 291 -13.82 -2.99 0.52
C PHE A 291 -14.04 -1.57 0.08
N LYS A 292 -14.89 -0.83 0.80
CA LYS A 292 -15.08 0.58 0.49
C LYS A 292 -14.82 1.38 1.76
N SER A 293 -14.29 2.57 1.56
CA SER A 293 -14.00 3.48 2.66
C SER A 293 -13.72 4.84 2.02
N GLU A 294 -14.59 5.22 1.09
CA GLU A 294 -14.52 6.46 0.35
C GLU A 294 -13.09 6.93 -0.02
N THR A 295 -12.44 6.14 -0.87
CA THR A 295 -11.10 6.45 -1.40
C THR A 295 -9.91 6.43 -0.42
N LYS A 296 -10.17 6.10 0.83
CA LYS A 296 -9.11 6.10 1.84
C LYS A 296 -8.31 4.80 1.98
N ASN A 297 -8.72 3.74 1.31
CA ASN A 297 -8.01 2.46 1.39
C ASN A 297 -7.80 2.02 2.83
N LEU A 298 -8.89 2.00 3.60
CA LEU A 298 -8.80 1.60 5.00
C LEU A 298 -8.91 0.08 5.04
N LEU A 299 -7.96 -0.56 5.70
CA LEU A 299 -7.87 -2.03 5.87
C LEU A 299 -7.55 -2.77 4.57
N PHE A 300 -8.24 -2.41 3.50
CA PHE A 300 -8.05 -3.02 2.20
C PHE A 300 -8.05 -1.87 1.20
N ASN A 301 -7.48 -2.08 0.02
CA ASN A 301 -7.53 -1.05 -1.01
C ASN A 301 -8.96 -1.03 -1.51
N ASP A 302 -9.46 0.16 -1.80
CA ASP A 302 -10.84 0.31 -2.27
C ASP A 302 -11.14 -0.28 -3.61
N ASN A 303 -10.11 -0.61 -4.38
CA ASN A 303 -10.36 -1.19 -5.70
C ASN A 303 -10.30 -2.71 -5.69
N THR A 304 -10.41 -3.29 -4.50
CA THR A 304 -10.36 -4.74 -4.36
C THR A 304 -11.69 -5.38 -4.73
N GLU A 305 -11.66 -6.37 -5.61
CA GLU A 305 -12.88 -7.03 -6.01
C GLU A 305 -13.16 -8.13 -5.00
N CYS A 306 -12.11 -8.84 -4.62
CA CYS A 306 -12.23 -9.92 -3.66
C CYS A 306 -10.86 -10.32 -3.14
N LEU A 307 -10.86 -11.15 -2.08
CA LEU A 307 -9.63 -11.71 -1.53
C LEU A 307 -9.56 -13.12 -2.13
N ALA A 308 -8.49 -13.39 -2.86
CA ALA A 308 -8.33 -14.67 -3.54
C ALA A 308 -7.42 -15.66 -2.85
N LYS A 309 -7.71 -16.95 -3.06
CA LYS A 309 -6.88 -18.02 -2.50
C LYS A 309 -5.55 -18.00 -3.23
N LEU A 310 -4.50 -18.47 -2.58
CA LEU A 310 -3.19 -18.46 -3.20
C LEU A 310 -2.92 -19.75 -3.96
N GLY A 311 -2.98 -20.89 -3.29
CA GLY A 311 -2.76 -22.13 -4.02
C GLY A 311 -1.35 -22.23 -4.59
N GLY A 312 -0.66 -23.27 -4.16
CA GLY A 312 0.74 -23.46 -4.47
C GLY A 312 1.26 -23.18 -3.06
N ARG A 313 0.29 -23.05 -2.15
CA ARG A 313 0.49 -22.77 -0.73
C ARG A 313 1.91 -22.21 -0.57
N PRO A 314 2.12 -21.00 -1.09
CA PRO A 314 3.39 -20.28 -1.09
C PRO A 314 3.88 -19.68 0.18
N THR A 315 5.18 -19.80 0.40
CA THR A 315 5.81 -19.17 1.54
C THR A 315 5.85 -17.68 1.13
N TYR A 316 6.33 -16.82 2.01
CA TYR A 316 6.34 -15.41 1.67
C TYR A 316 7.38 -15.06 0.61
N GLU A 317 8.44 -15.87 0.51
CA GLU A 317 9.47 -15.62 -0.49
C GLU A 317 8.93 -15.95 -1.86
N GLU A 318 8.19 -17.05 -1.94
CA GLU A 318 7.59 -17.44 -3.21
C GLU A 318 6.48 -16.48 -3.53
N TYR A 319 5.80 -15.95 -2.51
CA TYR A 319 4.75 -15.04 -2.85
C TYR A 319 5.31 -13.75 -3.41
N LEU A 320 6.28 -13.20 -2.70
CA LEU A 320 6.88 -11.94 -3.12
C LEU A 320 7.64 -12.15 -4.41
N GLY A 321 8.19 -13.35 -4.59
CA GLY A 321 8.96 -13.66 -5.77
C GLY A 321 10.43 -13.35 -5.63
N THR A 322 11.25 -14.14 -6.29
CA THR A 322 12.70 -13.96 -6.22
C THR A 322 13.20 -12.62 -6.71
N GLU A 323 12.62 -12.06 -7.76
CA GLU A 323 13.07 -10.74 -8.20
C GLU A 323 12.86 -9.74 -7.06
N TYR A 324 11.62 -9.58 -6.60
CA TYR A 324 11.33 -8.61 -5.53
C TYR A 324 12.10 -8.86 -4.24
N VAL A 325 12.23 -10.12 -3.82
CA VAL A 325 12.94 -10.40 -2.56
C VAL A 325 14.41 -10.01 -2.58
N THR A 326 15.10 -10.23 -3.68
CA THR A 326 16.50 -9.84 -3.74
C THR A 326 16.63 -8.33 -3.74
N ALA A 327 15.65 -7.64 -4.33
CA ALA A 327 15.65 -6.18 -4.36
C ALA A 327 15.68 -5.62 -2.95
N ILE A 328 14.81 -6.13 -2.08
CA ILE A 328 14.73 -5.67 -0.70
C ILE A 328 16.00 -5.98 0.10
N ALA A 329 16.58 -7.16 -0.13
CA ALA A 329 17.81 -7.55 0.57
C ALA A 329 18.91 -6.55 0.25
N ASN A 330 19.01 -6.20 -1.03
CA ASN A 330 20.00 -5.25 -1.50
C ASN A 330 19.92 -3.91 -0.78
N LEU A 331 18.72 -3.34 -0.79
CA LEU A 331 18.46 -2.04 -0.18
C LEU A 331 18.62 -2.03 1.32
N LYS A 332 18.31 -3.14 1.96
CA LYS A 332 18.39 -3.20 3.41
C LYS A 332 19.80 -3.40 3.95
N LYS A 333 20.74 -3.73 3.07
CA LYS A 333 22.11 -3.85 3.56
C LYS A 333 22.77 -2.48 3.62
N CYS A 334 21.93 -1.46 3.41
CA CYS A 334 22.32 -0.06 3.56
C CYS A 334 21.95 0.30 5.02
N SER A 335 21.48 -0.70 5.76
CA SER A 335 21.08 -0.59 7.17
C SER A 335 20.13 -1.73 7.55
N LEU A 340 11.77 -10.87 18.56
CA LEU A 340 12.71 -9.98 17.88
C LEU A 340 12.07 -8.69 17.36
N GLU A 341 11.53 -8.77 16.14
CA GLU A 341 10.92 -7.67 15.35
C GLU A 341 11.96 -7.42 14.25
N ALA A 342 13.19 -7.73 14.60
CA ALA A 342 14.34 -7.71 13.70
C ALA A 342 15.01 -9.11 13.75
N CYS A 343 14.44 -10.03 12.96
CA CYS A 343 13.74 -11.44 13.09
C CYS A 343 14.67 -12.15 12.15
N ALA A 344 15.40 -11.40 11.32
CA ALA A 344 16.36 -11.96 10.37
C ALA A 344 16.54 -11.04 9.15
C1 NAG B . 20.05 -3.46 -7.47
C2 NAG B . 18.79 -4.19 -7.91
C3 NAG B . 18.82 -5.68 -7.55
C4 NAG B . 20.14 -6.33 -7.97
C5 NAG B . 21.27 -5.51 -7.37
C6 NAG B . 22.65 -6.08 -7.72
C7 NAG B . 16.65 -3.07 -7.97
C8 NAG B . 15.47 -2.50 -7.20
N2 NAG B . 17.64 -3.58 -7.26
O3 NAG B . 17.73 -6.37 -8.18
O4 NAG B . 20.20 -7.69 -7.50
O5 NAG B . 21.23 -4.17 -7.87
O6 NAG B . 22.76 -6.31 -9.11
O7 NAG B . 16.65 -3.03 -9.19
C1 NAG B . 20.42 -8.65 -8.48
C2 NAG B . 20.95 -9.93 -7.81
C3 NAG B . 21.13 -11.04 -8.85
C4 NAG B . 19.86 -11.25 -9.68
C5 NAG B . 19.29 -9.92 -10.21
C6 NAG B . 17.88 -10.11 -10.74
C7 NAG B . 22.25 -9.56 -5.82
C8 NAG B . 23.61 -9.35 -5.18
N2 NAG B . 22.20 -9.65 -7.14
O3 NAG B . 21.45 -12.24 -8.17
O4 NAG B . 20.15 -12.12 -10.80
O5 NAG B . 19.18 -8.93 -9.15
O6 NAG B . 16.95 -10.28 -9.67
O7 NAG B . 21.25 -9.64 -5.10
C1 BMA B . 19.55 -13.32 -10.59
C2 BMA B . 18.99 -13.82 -11.93
C3 BMA B . 18.52 -15.27 -11.79
C4 BMA B . 19.63 -16.14 -11.21
C5 BMA B . 20.17 -15.54 -9.91
C6 BMA B . 21.36 -16.32 -9.37
O2 BMA B . 20.01 -13.75 -12.93
O3 BMA B . 18.11 -15.76 -13.06
O4 BMA B . 19.13 -17.45 -10.97
O5 BMA B . 20.61 -14.18 -10.14
O6 BMA B . 22.14 -15.51 -8.50
C1 NAG C . -3.84 1.69 -14.34
C2 NAG C . -4.04 0.40 -15.08
C3 NAG C . -5.42 0.52 -15.70
C4 NAG C . -6.48 0.86 -14.63
C5 NAG C . -6.06 1.94 -13.61
C6 NAG C . -6.91 1.89 -12.37
C7 NAG C . -1.99 -0.53 -15.90
C8 NAG C . -0.79 -0.31 -16.81
N2 NAG C . -3.04 0.25 -16.10
O3 NAG C . -5.75 -0.70 -16.34
O4 NAG C . -7.64 1.36 -15.28
O5 NAG C . -4.70 1.71 -13.21
O6 NAG C . -7.07 0.56 -11.93
O7 NAG C . -1.95 -1.41 -15.02
C1 NAG C . -8.89 0.56 -15.06
C2 NAG C . -10.16 1.37 -15.20
C3 NAG C . -11.34 0.44 -14.95
C4 NAG C . -11.25 -0.88 -15.76
C5 NAG C . -9.84 -1.49 -15.68
C6 NAG C . -9.62 -2.64 -16.64
C7 NAG C . -10.46 3.69 -14.57
C8 NAG C . -11.03 4.60 -13.50
N2 NAG C . -10.15 2.45 -14.22
O3 NAG C . -12.55 1.11 -15.27
O4 NAG C . -12.18 -1.83 -15.20
O5 NAG C . -8.87 -0.50 -16.00
O6 NAG C . -8.28 -3.08 -16.62
O7 NAG C . -10.32 4.11 -15.72
C1 BMA C . -13.36 -1.99 -15.96
C2 BMA C . -14.23 -2.95 -15.22
C3 BMA C . -15.24 -3.43 -16.24
C4 BMA C . -15.96 -2.27 -16.99
C5 BMA C . -15.12 -0.96 -17.16
C6 BMA C . -15.95 0.31 -17.12
O2 BMA C . -14.89 -2.27 -14.16
O3 BMA C . -16.19 -4.26 -15.61
O4 BMA C . -16.31 -2.72 -18.32
O5 BMA C . -14.11 -0.79 -16.13
O6 BMA C . -15.27 1.39 -17.75
C7 TVY D . -0.18 -19.29 -7.40
C8 TVY D . 0.38 -18.33 -8.24
C9 TVY D . 0.80 -17.10 -7.73
C10 TVY D . 0.65 -16.86 -6.36
C11 TVY D . 0.10 -17.82 -5.53
C12 TVY D . -0.32 -19.04 -6.05
C13 TVY D . 1.40 -16.06 -8.63
C15 TVY D . 0.34 -15.06 -9.11
N17 TVY D . -0.74 -15.69 -9.88
O1 TVY D . 2.40 -15.37 -7.91
C1 TVY D . 3.59 -15.06 -8.62
O5 TVY D . 3.24 -14.49 -9.86
C5 TVY D . 3.72 -13.20 -10.17
C4 TVY D . 5.24 -13.24 -10.01
C2 TVY D . 4.46 -14.13 -7.75
C3 TVY D . 5.61 -13.48 -8.54
C6 TVY D . 3.26 -12.86 -11.59
O6 TVY D . 1.85 -12.84 -11.61
O2 TVY D . 4.98 -14.74 -6.59
O3 TVY D . 6.69 -14.40 -8.42
O4 TVY D . 5.83 -12.04 -10.50
C1 Z8T D . 1.21 -12.93 -12.86
O5 Z8T D . -0.12 -13.33 -12.61
C5 Z8T D . -0.94 -13.50 -13.74
C4 Z8T D . -1.05 -12.16 -14.49
C3 Z8T D . 0.36 -11.68 -14.86
C2 Z8T D . 1.21 -11.57 -13.58
O2 Z8T D . 2.53 -11.19 -13.93
O3 Z8T D . 0.19 -10.45 -15.53
O4 Z8T D . -1.81 -12.30 -15.68
C6 Z8T D . -2.30 -13.99 -13.23
O6 Z8T D . -2.10 -15.01 -12.26
C1 NAG E . -20.66 -15.72 12.75
C2 NAG E . -21.58 -15.46 11.57
C3 NAG E . -22.55 -16.59 11.29
C4 NAG E . -21.80 -17.93 11.22
C5 NAG E . -20.91 -18.10 12.45
C6 NAG E . -20.07 -19.34 12.29
C7 NAG E . -22.08 -13.18 10.98
C8 NAG E . -23.14 -12.08 10.96
N2 NAG E . -22.32 -14.22 11.77
O3 NAG E . -23.20 -16.36 10.05
O4 NAG E . -22.74 -18.99 11.15
O5 NAG E . -19.98 -16.98 12.58
O6 NAG E . -19.71 -19.54 10.94
O7 NAG E . -21.07 -13.08 10.27
ZN ZN F . 6.30 -23.72 -2.73
ZN ZN G . 7.88 -4.37 -16.68
FE FE H . 2.10 -1.33 -2.09
S SO4 I . 5.54 16.26 -21.93
O1 SO4 I . 5.32 14.83 -21.65
O2 SO4 I . 5.94 16.41 -23.33
O3 SO4 I . 4.29 17.01 -21.68
O4 SO4 I . 6.60 16.80 -21.04
C CO3 J . 3.44 1.18 -1.71
O1 CO3 J . 2.50 1.02 -0.87
O2 CO3 J . 3.63 0.29 -2.62
O3 CO3 J . 4.19 2.19 -1.62
#